data_3KJO
#
_entry.id   3KJO
#
_cell.length_a   101.867
_cell.length_b   103.591
_cell.length_c   71.736
_cell.angle_alpha   90.00
_cell.angle_beta   90.00
_cell.angle_gamma   90.00
#
_symmetry.space_group_name_H-M   'C 2 2 21'
#
loop_
_entity.id
_entity.type
_entity.pdbx_description
1 polymer 'Protection of telomeres protein 1'
2 polymer "DNA/RNA (5'-D(*T)-R(P*U)-D(P*AP*GP*GP*GP*TP*TP*AP*G)-3')"
3 water water
#
loop_
_entity_poly.entity_id
_entity_poly.type
_entity_poly.pdbx_seq_one_letter_code
_entity_poly.pdbx_strand_id
1 'polypeptide(L)'
;MSLVPATNYIYTPLNQLKGGTIVNVYGVVKFFKPPYLSKGTDYCSVVTIVDQTNVKLTCLLFSGNYEALPIIYKNGDIVR
FHRLKIQVYKKETQGITSSGFASLTFEGTLGAPIIPRTSSKYFNFTTEDHKMVEALRVWASTHMSPSWTLLKLCDVQPMQ
YFDLTCQLLGKAEVDGASFLLKVWDGTRTPFPSWRVLIQDLVLEGDLSHIHRLQNLTIDILVYDNHVHVARSLKVGSFLR
IYSLHTKLQSMNSENQTMLSLEFHLHGGTSYGRGIRVLPESNSDVDQLKKDLESANLTA
;
A
2 'polydeoxyribonucleotide/polyribonucleotide hybrid' (DT)U(DA)(DG)(DG)(DG)(DT)(DT)(DA)(DG) B
#
# COMPACT_ATOMS: atom_id res chain seq x y z
N ALA A 6 6.90 -36.30 -8.83
CA ALA A 6 6.93 -35.09 -9.70
C ALA A 6 6.10 -33.96 -9.09
N THR A 7 6.49 -32.72 -9.37
CA THR A 7 5.77 -31.55 -8.85
C THR A 7 4.84 -31.01 -9.93
N ASN A 8 3.54 -31.06 -9.69
CA ASN A 8 2.56 -30.58 -10.65
C ASN A 8 1.50 -29.68 -10.02
N TYR A 9 1.69 -28.38 -10.13
CA TYR A 9 0.76 -27.41 -9.56
C TYR A 9 -0.40 -27.10 -10.49
N ILE A 10 -1.62 -27.28 -9.98
CA ILE A 10 -2.82 -27.01 -10.75
C ILE A 10 -3.48 -25.74 -10.21
N TYR A 11 -3.83 -24.83 -11.12
CA TYR A 11 -4.48 -23.57 -10.74
C TYR A 11 -5.94 -23.61 -11.14
N THR A 12 -6.82 -23.30 -10.19
CA THR A 12 -8.26 -23.32 -10.42
C THR A 12 -8.83 -21.95 -10.78
N PRO A 13 -9.58 -21.87 -11.90
CA PRO A 13 -10.19 -20.61 -12.33
C PRO A 13 -11.09 -20.11 -11.21
N LEU A 14 -11.15 -18.79 -11.05
CA LEU A 14 -11.96 -18.19 -9.98
C LEU A 14 -13.47 -18.46 -10.07
N ASN A 15 -13.91 -18.99 -11.20
CA ASN A 15 -15.34 -19.26 -11.36
C ASN A 15 -15.64 -20.76 -11.21
N GLN A 16 -14.63 -21.52 -10.83
CA GLN A 16 -14.77 -22.97 -10.64
C GLN A 16 -14.42 -23.35 -9.20
N LEU A 17 -14.38 -22.36 -8.32
CA LEU A 17 -14.05 -22.57 -6.92
C LEU A 17 -15.22 -23.20 -6.16
N LYS A 18 -14.90 -24.07 -5.20
CA LYS A 18 -15.91 -24.73 -4.39
C LYS A 18 -15.52 -24.68 -2.92
N GLY A 19 -16.51 -24.52 -2.05
CA GLY A 19 -16.23 -24.45 -0.62
C GLY A 19 -15.70 -25.76 -0.09
N GLY A 20 -14.93 -25.68 1.01
CA GLY A 20 -14.39 -26.89 1.61
C GLY A 20 -13.24 -27.51 0.84
N THR A 21 -12.45 -26.68 0.16
CA THR A 21 -11.32 -27.17 -0.62
C THR A 21 -10.13 -26.21 -0.55
N ILE A 22 -8.92 -26.74 -0.69
CA ILE A 22 -7.69 -25.96 -0.66
C ILE A 22 -7.14 -25.95 -2.09
N VAL A 23 -6.93 -24.77 -2.64
CA VAL A 23 -6.46 -24.69 -4.02
C VAL A 23 -5.30 -23.73 -4.26
N ASN A 24 -4.98 -23.55 -5.54
CA ASN A 24 -3.93 -22.64 -5.98
C ASN A 24 -4.61 -21.72 -6.98
N VAL A 25 -4.32 -20.41 -6.91
CA VAL A 25 -4.95 -19.49 -7.83
C VAL A 25 -4.04 -18.37 -8.32
N TYR A 26 -4.42 -17.81 -9.46
CA TYR A 26 -3.71 -16.70 -10.07
C TYR A 26 -4.76 -15.61 -10.26
N GLY A 27 -4.37 -14.36 -10.13
CA GLY A 27 -5.32 -13.28 -10.33
C GLY A 27 -4.70 -11.90 -10.30
N VAL A 28 -5.50 -10.89 -10.64
CA VAL A 28 -5.05 -9.50 -10.63
C VAL A 28 -5.66 -8.88 -9.39
N VAL A 29 -4.91 -8.03 -8.71
CA VAL A 29 -5.43 -7.39 -7.50
C VAL A 29 -6.33 -6.21 -7.82
N LYS A 30 -7.59 -6.29 -7.41
CA LYS A 30 -8.56 -5.22 -7.64
C LYS A 30 -8.59 -4.30 -6.41
N PHE A 31 -8.39 -4.89 -5.24
CA PHE A 31 -8.39 -4.16 -3.98
C PHE A 31 -7.55 -4.92 -2.95
N PHE A 32 -6.97 -4.19 -2.01
CA PHE A 32 -6.19 -4.83 -0.97
C PHE A 32 -5.94 -3.93 0.24
N LYS A 33 -5.87 -4.56 1.40
CA LYS A 33 -5.56 -3.85 2.63
C LYS A 33 -4.17 -4.37 2.94
N PRO A 34 -3.18 -3.47 3.02
CA PRO A 34 -1.81 -3.90 3.33
C PRO A 34 -1.80 -4.59 4.69
N PRO A 35 -0.82 -5.48 4.93
CA PRO A 35 -0.73 -6.20 6.21
C PRO A 35 -0.87 -5.28 7.41
N TYR A 36 -1.69 -5.69 8.38
CA TYR A 36 -1.88 -4.90 9.60
C TYR A 36 -2.10 -5.82 10.79
N LEU A 37 -1.61 -5.40 11.96
CA LEU A 37 -1.75 -6.20 13.18
C LEU A 37 -3.21 -6.16 13.63
N SER A 38 -3.90 -7.30 13.51
CA SER A 38 -5.30 -7.36 13.91
C SER A 38 -5.41 -7.42 15.44
N LYS A 39 -6.64 -7.48 15.94
CA LYS A 39 -6.87 -7.56 17.38
C LYS A 39 -6.61 -8.97 17.87
N GLY A 40 -6.16 -9.83 16.95
CA GLY A 40 -5.89 -11.21 17.30
C GLY A 40 -4.41 -11.52 17.38
N THR A 41 -4.04 -12.75 17.03
CA THR A 41 -2.65 -13.18 17.08
C THR A 41 -1.82 -12.78 15.86
N ASP A 42 -2.38 -12.98 14.68
CA ASP A 42 -1.69 -12.72 13.42
C ASP A 42 -1.92 -11.36 12.78
N TYR A 43 -1.05 -11.04 11.82
CA TYR A 43 -1.18 -9.82 11.04
C TYR A 43 -2.24 -10.22 10.02
N CYS A 44 -2.96 -9.25 9.46
CA CYS A 44 -4.01 -9.57 8.49
C CYS A 44 -3.87 -8.73 7.22
N SER A 45 -4.29 -9.32 6.11
CA SER A 45 -4.28 -8.63 4.83
C SER A 45 -5.47 -9.15 4.04
N VAL A 46 -6.22 -8.24 3.45
CA VAL A 46 -7.38 -8.61 2.65
C VAL A 46 -7.05 -8.30 1.20
N VAL A 47 -7.33 -9.25 0.33
CA VAL A 47 -7.02 -9.07 -1.08
C VAL A 47 -8.16 -9.57 -1.93
N THR A 48 -8.67 -8.73 -2.82
CA THR A 48 -9.73 -9.15 -3.72
C THR A 48 -9.08 -9.28 -5.09
N ILE A 49 -9.14 -10.48 -5.66
CA ILE A 49 -8.54 -10.73 -6.96
C ILE A 49 -9.60 -11.08 -8.00
N VAL A 50 -9.23 -10.96 -9.26
CA VAL A 50 -10.11 -11.28 -10.37
C VAL A 50 -9.26 -11.87 -11.49
N ASP A 51 -9.88 -12.66 -12.37
CA ASP A 51 -9.14 -13.27 -13.48
C ASP A 51 -9.96 -13.17 -14.76
N GLN A 52 -9.57 -13.92 -15.79
CA GLN A 52 -10.28 -13.89 -17.07
C GLN A 52 -11.75 -14.26 -17.00
N THR A 53 -12.14 -15.02 -15.98
CA THR A 53 -13.54 -15.43 -15.82
C THR A 53 -14.36 -14.25 -15.36
N ASN A 54 -13.66 -13.16 -15.04
CA ASN A 54 -14.28 -11.93 -14.59
C ASN A 54 -15.01 -12.11 -13.25
N VAL A 55 -14.67 -13.17 -12.53
CA VAL A 55 -15.27 -13.43 -11.22
C VAL A 55 -14.32 -12.91 -10.14
N LYS A 56 -14.87 -12.21 -9.16
CA LYS A 56 -14.07 -11.64 -8.08
C LYS A 56 -14.01 -12.59 -6.88
N LEU A 57 -12.87 -12.62 -6.20
CA LEU A 57 -12.71 -13.46 -5.03
C LEU A 57 -12.01 -12.68 -3.93
N THR A 58 -12.68 -12.55 -2.79
CA THR A 58 -12.10 -11.85 -1.66
C THR A 58 -11.38 -12.84 -0.75
N CYS A 59 -10.11 -12.54 -0.48
CA CYS A 59 -9.27 -13.41 0.34
C CYS A 59 -8.85 -12.77 1.65
N LEU A 60 -9.02 -13.53 2.75
CA LEU A 60 -8.65 -13.07 4.07
C LEU A 60 -7.40 -13.85 4.42
N LEU A 61 -6.27 -13.16 4.52
CA LEU A 61 -4.99 -13.79 4.80
C LEU A 61 -4.41 -13.43 6.16
N PHE A 62 -4.06 -14.46 6.94
CA PHE A 62 -3.50 -14.26 8.28
C PHE A 62 -2.13 -14.91 8.40
N SER A 63 -1.25 -14.29 9.18
CA SER A 63 0.08 -14.82 9.41
C SER A 63 0.77 -14.19 10.61
N GLY A 64 1.64 -14.97 11.25
CA GLY A 64 2.36 -14.47 12.39
C GLY A 64 3.47 -13.53 11.97
N ASN A 65 3.92 -13.68 10.73
CA ASN A 65 4.98 -12.82 10.20
C ASN A 65 4.45 -11.85 9.15
N TYR A 66 4.74 -10.57 9.33
CA TYR A 66 4.32 -9.53 8.41
C TYR A 66 4.68 -9.87 6.96
N GLU A 67 5.92 -10.28 6.74
CA GLU A 67 6.40 -10.59 5.40
C GLU A 67 5.82 -11.83 4.73
N ALA A 68 5.21 -12.72 5.49
CA ALA A 68 4.62 -13.94 4.92
C ALA A 68 3.37 -13.63 4.09
N LEU A 69 2.86 -12.41 4.23
CA LEU A 69 1.66 -12.01 3.49
C LEU A 69 2.06 -11.47 2.12
N PRO A 70 1.14 -11.49 1.15
CA PRO A 70 1.42 -11.00 -0.21
C PRO A 70 2.06 -9.63 -0.23
N ILE A 71 3.16 -9.51 -0.96
CA ILE A 71 3.89 -8.26 -1.09
C ILE A 71 3.28 -7.47 -2.24
N ILE A 72 2.12 -6.86 -1.98
CA ILE A 72 1.40 -6.08 -2.98
C ILE A 72 1.66 -4.59 -2.75
N TYR A 73 2.01 -3.87 -3.82
CA TYR A 73 2.28 -2.45 -3.68
C TYR A 73 1.19 -1.56 -4.26
N LYS A 74 0.39 -2.11 -5.17
CA LYS A 74 -0.69 -1.33 -5.78
C LYS A 74 -1.70 -2.20 -6.50
N ASN A 75 -2.90 -1.66 -6.70
CA ASN A 75 -3.93 -2.40 -7.44
C ASN A 75 -3.35 -2.66 -8.81
N GLY A 76 -3.72 -3.77 -9.43
CA GLY A 76 -3.17 -4.09 -10.74
C GLY A 76 -2.05 -5.11 -10.64
N ASP A 77 -1.45 -5.21 -9.46
CA ASP A 77 -0.38 -6.20 -9.27
C ASP A 77 -0.99 -7.57 -9.53
N ILE A 78 -0.18 -8.53 -9.93
CA ILE A 78 -0.64 -9.88 -10.20
C ILE A 78 -0.12 -10.80 -9.11
N VAL A 79 -0.98 -11.67 -8.60
CA VAL A 79 -0.54 -12.58 -7.55
C VAL A 79 -0.79 -14.04 -7.88
N ARG A 80 0.02 -14.89 -7.26
CA ARG A 80 -0.13 -16.33 -7.39
C ARG A 80 -0.26 -16.78 -5.94
N PHE A 81 -1.34 -17.49 -5.62
CA PHE A 81 -1.56 -17.98 -4.26
C PHE A 81 -1.53 -19.51 -4.24
N HIS A 82 -0.76 -20.06 -3.30
CA HIS A 82 -0.66 -21.50 -3.14
C HIS A 82 -1.23 -21.80 -1.77
N ARG A 83 -1.95 -22.92 -1.64
CA ARG A 83 -2.54 -23.34 -0.38
C ARG A 83 -3.56 -22.34 0.16
N LEU A 84 -4.51 -21.99 -0.70
CA LEU A 84 -5.56 -21.07 -0.32
C LEU A 84 -6.82 -21.91 -0.07
N LYS A 85 -7.41 -21.79 1.10
CA LYS A 85 -8.61 -22.53 1.42
C LYS A 85 -9.83 -21.76 0.95
N ILE A 86 -10.80 -22.47 0.38
CA ILE A 86 -12.02 -21.85 -0.09
C ILE A 86 -13.14 -22.24 0.87
N GLN A 87 -13.89 -21.24 1.34
CA GLN A 87 -15.00 -21.51 2.25
C GLN A 87 -16.13 -20.52 2.03
N VAL A 88 -17.27 -20.79 2.66
CA VAL A 88 -18.43 -19.91 2.53
C VAL A 88 -18.69 -19.18 3.83
N TYR A 89 -18.86 -17.86 3.74
CA TYR A 89 -19.14 -17.03 4.91
C TYR A 89 -20.36 -16.18 4.58
N LYS A 90 -21.48 -16.49 5.25
CA LYS A 90 -22.73 -15.77 5.02
C LYS A 90 -23.15 -15.93 3.56
N LYS A 91 -23.21 -17.19 3.11
CA LYS A 91 -23.59 -17.53 1.74
C LYS A 91 -22.58 -17.05 0.71
N GLU A 92 -21.64 -16.20 1.14
CA GLU A 92 -20.63 -15.67 0.24
C GLU A 92 -19.32 -16.45 0.30
N THR A 93 -18.83 -16.85 -0.87
CA THR A 93 -17.58 -17.59 -0.98
C THR A 93 -16.41 -16.64 -0.69
N GLN A 94 -15.42 -17.13 0.06
CA GLN A 94 -14.26 -16.33 0.37
C GLN A 94 -13.01 -17.19 0.51
N GLY A 95 -11.85 -16.59 0.24
CA GLY A 95 -10.61 -17.33 0.36
C GLY A 95 -9.98 -17.01 1.70
N ILE A 96 -9.29 -17.98 2.27
CA ILE A 96 -8.64 -17.75 3.54
C ILE A 96 -7.33 -18.53 3.56
N THR A 97 -6.37 -18.04 4.35
CA THR A 97 -5.08 -18.70 4.45
C THR A 97 -5.24 -20.10 5.03
N SER A 98 -4.41 -21.02 4.53
CA SER A 98 -4.40 -22.40 5.00
C SER A 98 -2.95 -22.65 5.37
N SER A 99 -2.65 -23.76 6.04
CA SER A 99 -1.28 -24.06 6.41
C SER A 99 -0.38 -24.09 5.18
N GLY A 100 0.82 -23.53 5.30
CA GLY A 100 1.74 -23.53 4.17
C GLY A 100 1.42 -22.49 3.09
N PHE A 101 0.44 -21.63 3.34
CA PHE A 101 0.07 -20.60 2.37
C PHE A 101 1.31 -19.88 1.88
N ALA A 102 1.36 -19.61 0.57
CA ALA A 102 2.49 -18.91 -0.02
C ALA A 102 2.02 -18.09 -1.21
N SER A 103 2.68 -16.97 -1.45
CA SER A 103 2.29 -16.12 -2.55
C SER A 103 3.48 -15.51 -3.28
N LEU A 104 3.26 -15.20 -4.55
CA LEU A 104 4.25 -14.53 -5.37
C LEU A 104 3.51 -13.33 -5.95
N THR A 105 4.13 -12.16 -5.95
CA THR A 105 3.50 -10.97 -6.53
C THR A 105 4.39 -10.43 -7.65
N PHE A 106 3.74 -9.92 -8.70
CA PHE A 106 4.43 -9.38 -9.88
C PHE A 106 3.79 -8.06 -10.31
N GLU A 107 4.54 -7.26 -11.08
CA GLU A 107 3.99 -6.01 -11.60
C GLU A 107 2.90 -6.43 -12.60
N GLY A 108 1.84 -5.64 -12.73
CA GLY A 108 0.76 -6.04 -13.63
C GLY A 108 0.68 -5.35 -14.99
N THR A 109 1.68 -4.55 -15.33
CA THR A 109 1.70 -3.82 -16.59
C THR A 109 2.42 -4.57 -17.72
N LEU A 110 1.83 -4.55 -18.91
CA LEU A 110 2.41 -5.21 -20.08
C LEU A 110 3.85 -4.79 -20.36
N GLY A 111 4.69 -5.76 -20.69
CA GLY A 111 6.08 -5.48 -21.00
C GLY A 111 6.95 -5.24 -19.79
N ALA A 112 6.35 -5.15 -18.61
CA ALA A 112 7.11 -4.92 -17.38
C ALA A 112 7.92 -6.16 -17.01
N PRO A 113 9.04 -5.95 -16.29
CA PRO A 113 9.87 -7.09 -15.88
C PRO A 113 9.03 -8.07 -15.07
N ILE A 114 9.35 -9.35 -15.16
CA ILE A 114 8.63 -10.36 -14.40
C ILE A 114 9.55 -10.85 -13.29
N ILE A 115 9.44 -10.21 -12.13
CA ILE A 115 10.27 -10.55 -10.99
C ILE A 115 9.35 -10.93 -9.82
N PRO A 116 9.31 -12.22 -9.46
CA PRO A 116 8.46 -12.66 -8.36
C PRO A 116 8.89 -12.07 -7.03
N ARG A 117 7.92 -11.52 -6.28
CA ARG A 117 8.21 -10.96 -4.98
C ARG A 117 7.59 -11.86 -3.93
N THR A 118 8.39 -12.29 -2.96
CA THR A 118 7.90 -13.18 -1.91
C THR A 118 8.91 -13.28 -0.78
N SER A 119 8.43 -13.66 0.39
CA SER A 119 9.30 -13.84 1.55
C SER A 119 9.78 -15.29 1.64
N SER A 120 9.19 -16.17 0.82
CA SER A 120 9.56 -17.58 0.83
C SER A 120 11.01 -17.81 0.38
N LYS A 121 11.72 -18.68 1.10
CA LYS A 121 13.10 -18.98 0.74
C LYS A 121 13.11 -19.95 -0.44
N TYR A 122 12.20 -20.91 -0.43
CA TYR A 122 12.08 -21.90 -1.49
C TYR A 122 10.71 -21.81 -2.15
N PHE A 123 10.68 -21.74 -3.47
CA PHE A 123 9.39 -21.66 -4.17
C PHE A 123 9.48 -22.08 -5.63
N ASN A 124 8.41 -22.69 -6.12
CA ASN A 124 8.35 -23.14 -7.50
C ASN A 124 8.09 -21.97 -8.42
N PHE A 125 8.75 -21.97 -9.58
CA PHE A 125 8.60 -20.90 -10.55
C PHE A 125 8.98 -21.46 -11.92
N THR A 126 7.98 -21.64 -12.79
CA THR A 126 8.20 -22.20 -14.11
C THR A 126 7.83 -21.28 -15.26
N THR A 127 8.00 -21.80 -16.48
CA THR A 127 7.65 -21.05 -17.68
C THR A 127 6.13 -20.95 -17.72
N GLU A 128 5.47 -21.86 -17.02
CA GLU A 128 4.01 -21.86 -16.95
C GLU A 128 3.54 -20.65 -16.15
N ASP A 129 4.37 -20.22 -15.20
CA ASP A 129 4.04 -19.04 -14.40
C ASP A 129 4.18 -17.79 -15.25
N HIS A 130 5.24 -17.72 -16.06
CA HIS A 130 5.44 -16.58 -16.94
C HIS A 130 4.24 -16.43 -17.85
N LYS A 131 3.81 -17.56 -18.43
CA LYS A 131 2.67 -17.57 -19.33
C LYS A 131 1.42 -17.10 -18.61
N MET A 132 1.26 -17.53 -17.37
CA MET A 132 0.09 -17.12 -16.57
C MET A 132 0.11 -15.63 -16.30
N VAL A 133 1.28 -15.12 -15.90
CA VAL A 133 1.41 -13.69 -15.63
C VAL A 133 1.12 -12.88 -16.89
N GLU A 134 1.80 -13.20 -17.98
CA GLU A 134 1.58 -12.49 -19.24
C GLU A 134 0.11 -12.53 -19.67
N ALA A 135 -0.53 -13.68 -19.47
CA ALA A 135 -1.95 -13.84 -19.82
C ALA A 135 -2.84 -12.89 -19.03
N LEU A 136 -2.53 -12.71 -17.75
CA LEU A 136 -3.30 -11.81 -16.90
C LEU A 136 -3.01 -10.35 -17.25
N ARG A 137 -1.77 -10.06 -17.65
CA ARG A 137 -1.41 -8.70 -18.02
C ARG A 137 -2.16 -8.30 -19.28
N VAL A 138 -2.28 -9.23 -20.22
CA VAL A 138 -3.00 -8.95 -21.46
C VAL A 138 -4.46 -8.65 -21.15
N TRP A 139 -5.08 -9.50 -20.34
CA TRP A 139 -6.47 -9.32 -19.95
C TRP A 139 -6.70 -8.00 -19.24
N ALA A 140 -5.87 -7.70 -18.25
CA ALA A 140 -6.00 -6.48 -17.47
C ALA A 140 -5.76 -5.21 -18.27
N SER A 141 -4.92 -5.28 -19.30
CA SER A 141 -4.61 -4.10 -20.10
C SER A 141 -5.86 -3.46 -20.68
N THR A 142 -6.91 -4.25 -20.86
CA THR A 142 -8.16 -3.77 -21.42
C THR A 142 -9.30 -3.71 -20.40
N HIS A 143 -9.22 -4.52 -19.35
CA HIS A 143 -10.27 -4.53 -18.33
C HIS A 143 -9.94 -3.72 -17.09
N MET A 144 -8.82 -2.99 -17.11
CA MET A 144 -8.42 -2.19 -15.95
C MET A 144 -7.67 -0.91 -16.35
N SER A 145 -7.45 -0.04 -15.37
CA SER A 145 -6.76 1.22 -15.62
C SER A 145 -5.29 1.18 -15.21
N PRO A 146 -4.39 1.76 -16.03
CA PRO A 146 -2.94 1.83 -15.84
C PRO A 146 -2.44 2.33 -14.48
N SER A 147 -1.11 2.34 -14.32
CA SER A 147 -0.47 2.80 -13.09
C SER A 147 1.03 3.03 -13.30
N THR A 149 0.39 5.76 -13.13
CA THR A 149 -0.41 6.78 -12.49
C THR A 149 0.00 6.93 -11.02
N LEU A 150 0.74 7.98 -10.73
CA LEU A 150 1.23 8.25 -9.39
C LEU A 150 1.04 9.75 -9.12
N LEU A 151 0.14 10.06 -8.19
CA LEU A 151 -0.18 11.45 -7.87
C LEU A 151 0.89 12.15 -7.03
N LYS A 152 1.34 13.31 -7.50
CA LYS A 152 2.35 14.08 -6.77
C LYS A 152 1.61 15.06 -5.86
N LEU A 153 2.28 15.54 -4.81
CA LEU A 153 1.63 16.46 -3.89
C LEU A 153 1.16 17.74 -4.55
N CYS A 154 1.87 18.17 -5.58
CA CYS A 154 1.47 19.41 -6.26
C CYS A 154 0.13 19.30 -6.97
N ASP A 155 -0.36 18.07 -7.17
CA ASP A 155 -1.63 17.90 -7.86
C ASP A 155 -2.80 17.44 -6.99
N VAL A 156 -2.59 17.33 -5.68
CA VAL A 156 -3.68 16.90 -4.80
C VAL A 156 -4.82 17.92 -4.80
N GLN A 157 -6.05 17.44 -4.63
CA GLN A 157 -7.23 18.29 -4.60
C GLN A 157 -7.63 18.57 -3.16
N PRO A 158 -8.35 19.67 -2.91
CA PRO A 158 -8.81 20.11 -1.58
C PRO A 158 -9.32 19.02 -0.64
N MET A 159 -10.13 18.11 -1.16
CA MET A 159 -10.65 17.04 -0.32
C MET A 159 -10.80 15.74 -1.12
N GLN A 160 -9.86 14.82 -0.91
CA GLN A 160 -9.89 13.54 -1.60
C GLN A 160 -9.01 12.54 -0.87
N TYR A 161 -9.17 11.28 -1.23
CA TYR A 161 -8.36 10.20 -0.68
C TYR A 161 -7.39 9.83 -1.81
N PHE A 162 -6.17 9.46 -1.47
CA PHE A 162 -5.22 9.07 -2.49
C PHE A 162 -4.07 8.33 -1.85
N ASP A 163 -3.30 7.62 -2.69
CA ASP A 163 -2.15 6.89 -2.19
C ASP A 163 -0.91 7.75 -2.46
N LEU A 164 -0.16 8.04 -1.40
CA LEU A 164 1.03 8.86 -1.54
C LEU A 164 2.34 8.10 -1.44
N THR A 165 3.18 8.25 -2.47
CA THR A 165 4.52 7.65 -2.45
C THR A 165 5.39 8.81 -2.00
N CYS A 166 6.18 8.60 -0.96
CA CYS A 166 7.02 9.67 -0.43
C CYS A 166 8.22 9.14 0.34
N GLN A 167 9.01 10.07 0.88
CA GLN A 167 10.14 9.71 1.72
C GLN A 167 9.83 10.28 3.10
N LEU A 168 10.10 9.50 4.14
CA LEU A 168 9.83 9.94 5.50
C LEU A 168 11.02 10.77 5.98
N LEU A 169 10.78 12.00 6.43
CA LEU A 169 11.86 12.85 6.93
C LEU A 169 11.85 13.04 8.44
N GLY A 170 10.67 12.96 9.06
CA GLY A 170 10.61 13.14 10.50
C GLY A 170 9.44 12.43 11.15
N LYS A 171 9.54 12.19 12.46
CA LYS A 171 8.49 11.53 13.22
C LYS A 171 8.32 12.28 14.54
N ALA A 172 7.10 12.33 15.05
CA ALA A 172 6.87 13.01 16.31
C ALA A 172 5.63 12.53 17.04
N GLU A 173 5.79 12.26 18.33
CA GLU A 173 4.66 11.86 19.16
C GLU A 173 3.77 13.09 19.25
N VAL A 174 2.48 12.87 19.47
CA VAL A 174 1.55 13.98 19.59
C VAL A 174 0.77 13.87 20.91
N ASP A 175 -0.18 12.94 20.95
CA ASP A 175 -1.01 12.74 22.14
C ASP A 175 -1.41 11.28 22.31
N GLY A 176 -0.57 10.37 21.83
CA GLY A 176 -0.86 8.95 21.96
C GLY A 176 -1.92 8.43 21.03
N ALA A 177 -3.01 9.17 20.87
CA ALA A 177 -4.10 8.76 19.99
C ALA A 177 -3.73 9.06 18.54
N SER A 178 -2.73 9.91 18.34
CA SER A 178 -2.27 10.27 17.00
C SER A 178 -0.75 10.41 16.97
N PHE A 179 -0.18 10.33 15.78
CA PHE A 179 1.27 10.41 15.61
C PHE A 179 1.58 11.19 14.33
N LEU A 180 2.61 12.03 14.38
CA LEU A 180 3.00 12.85 13.23
C LEU A 180 4.12 12.28 12.36
N LEU A 181 3.90 12.33 11.05
CA LEU A 181 4.88 11.89 10.07
C LEU A 181 5.12 13.09 9.15
N LYS A 182 6.38 13.52 9.02
CA LYS A 182 6.67 14.62 8.12
C LYS A 182 7.29 13.93 6.91
N VAL A 183 6.67 14.12 5.75
CA VAL A 183 7.12 13.47 4.54
C VAL A 183 7.22 14.45 3.38
N TRP A 184 7.76 14.00 2.24
CA TRP A 184 7.85 14.85 1.07
C TRP A 184 8.00 14.00 -0.19
N ASP A 185 7.77 14.60 -1.36
CA ASP A 185 7.93 13.88 -2.62
C ASP A 185 8.62 14.73 -3.68
N GLY A 186 9.11 15.90 -3.28
CA GLY A 186 9.80 16.76 -4.23
C GLY A 186 8.93 17.83 -4.87
N THR A 187 7.64 17.82 -4.58
CA THR A 187 6.73 18.84 -5.14
C THR A 187 5.96 19.54 -4.02
N ARG A 188 5.49 20.76 -4.30
CA ARG A 188 4.75 21.55 -3.31
C ARG A 188 3.23 21.50 -3.50
N THR A 189 2.52 21.33 -2.38
CA THR A 189 1.06 21.28 -2.39
C THR A 189 0.55 22.64 -2.87
N PRO A 190 -0.69 22.68 -3.39
CA PRO A 190 -1.28 23.94 -3.88
C PRO A 190 -1.54 24.95 -2.76
N PHE A 191 -1.76 24.46 -1.54
CA PHE A 191 -1.96 25.31 -0.36
C PHE A 191 -0.94 24.80 0.66
N PRO A 192 -0.46 25.68 1.55
CA PRO A 192 0.52 25.22 2.54
C PRO A 192 -0.04 24.11 3.44
N SER A 193 0.82 23.14 3.77
CA SER A 193 0.42 22.07 4.66
C SER A 193 0.09 22.64 6.05
N TRP A 194 -0.85 22.02 6.75
CA TRP A 194 -1.12 22.44 8.11
C TRP A 194 0.13 22.00 8.89
N ARG A 195 0.29 22.53 10.11
CA ARG A 195 1.43 22.12 10.93
C ARG A 195 0.94 21.80 12.34
N VAL A 196 1.12 20.56 12.74
CA VAL A 196 0.71 20.10 14.06
C VAL A 196 1.65 20.66 15.12
N LEU A 197 1.09 21.20 16.20
CA LEU A 197 1.94 21.73 17.27
C LEU A 197 2.77 20.62 17.90
N ILE A 198 4.09 20.68 17.70
CA ILE A 198 4.99 19.68 18.26
C ILE A 198 5.74 20.29 19.43
N GLN A 199 6.08 19.44 20.41
CA GLN A 199 6.80 19.90 21.59
C GLN A 199 8.30 19.77 21.38
N VAL A 202 11.30 16.12 20.69
CA VAL A 202 10.23 15.21 20.31
C VAL A 202 10.36 14.75 18.86
N LEU A 203 10.47 15.71 17.95
CA LEU A 203 10.61 15.40 16.53
C LEU A 203 11.97 14.76 16.25
N GLU A 204 11.96 13.54 15.72
CA GLU A 204 13.21 12.86 15.40
C GLU A 204 13.45 12.92 13.89
N GLY A 205 14.66 13.29 13.51
CA GLY A 205 15.02 13.40 12.10
C GLY A 205 15.95 14.57 11.91
N ASP A 206 16.34 14.83 10.66
CA ASP A 206 17.25 15.93 10.34
C ASP A 206 16.49 17.27 10.39
N LEU A 207 16.47 17.88 11.57
CA LEU A 207 15.77 19.15 11.77
C LEU A 207 16.20 20.25 10.79
N SER A 208 17.49 20.37 10.56
CA SER A 208 18.00 21.39 9.64
C SER A 208 17.51 21.14 8.22
N HIS A 209 17.53 19.88 7.80
CA HIS A 209 17.08 19.55 6.45
C HIS A 209 15.59 19.89 6.34
N ILE A 210 14.82 19.47 7.33
CA ILE A 210 13.38 19.73 7.33
C ILE A 210 13.11 21.23 7.23
N HIS A 211 13.78 22.01 8.07
CA HIS A 211 13.60 23.45 8.07
C HIS A 211 13.99 24.08 6.74
N ARG A 212 15.04 23.56 6.10
CA ARG A 212 15.47 24.10 4.82
C ARG A 212 14.48 23.80 3.70
N LEU A 213 13.78 22.67 3.81
CA LEU A 213 12.81 22.28 2.78
C LEU A 213 11.51 23.10 2.83
N GLN A 214 11.26 23.75 3.96
CA GLN A 214 10.05 24.56 4.12
C GLN A 214 8.78 23.81 3.71
N ASN A 215 7.98 24.43 2.86
CA ASN A 215 6.71 23.83 2.45
C ASN A 215 6.81 22.66 1.49
N LEU A 216 8.03 22.19 1.26
CA LEU A 216 8.24 21.01 0.43
C LEU A 216 7.79 19.80 1.27
N THR A 217 7.85 19.92 2.59
CA THR A 217 7.41 18.82 3.44
C THR A 217 5.96 19.08 3.84
N ILE A 218 5.25 18.01 4.21
CA ILE A 218 3.87 18.14 4.67
C ILE A 218 3.78 17.37 5.99
N ASP A 219 2.79 17.73 6.80
CA ASP A 219 2.55 17.06 8.08
C ASP A 219 1.42 16.07 7.89
N ILE A 220 1.65 14.81 8.22
CA ILE A 220 0.60 13.81 8.14
C ILE A 220 0.31 13.30 9.55
N LEU A 221 -0.95 13.38 9.95
CA LEU A 221 -1.33 12.88 11.26
C LEU A 221 -2.00 11.53 11.08
N VAL A 222 -1.49 10.49 11.74
CA VAL A 222 -2.10 9.16 11.67
C VAL A 222 -2.76 8.89 13.02
N TYR A 223 -3.86 8.13 13.01
CA TYR A 223 -4.59 7.86 14.24
C TYR A 223 -4.80 6.39 14.60
N ASP A 224 -5.15 6.19 15.87
CA ASP A 224 -5.46 4.88 16.39
C ASP A 224 -4.47 3.76 16.07
N ASN A 225 -4.96 2.75 15.35
CA ASN A 225 -4.15 1.59 14.97
C ASN A 225 -2.92 1.91 14.14
N HIS A 226 -2.94 3.04 13.44
CA HIS A 226 -1.80 3.41 12.59
C HIS A 226 -0.61 3.92 13.40
N VAL A 227 -0.86 4.34 14.63
CA VAL A 227 0.21 4.88 15.48
C VAL A 227 1.42 3.99 15.73
N HIS A 228 1.21 2.76 16.19
CA HIS A 228 2.36 1.92 16.48
C HIS A 228 3.16 1.64 15.22
N VAL A 229 2.49 1.58 14.07
CA VAL A 229 3.16 1.35 12.81
C VAL A 229 4.05 2.56 12.49
N ALA A 230 3.46 3.75 12.55
CA ALA A 230 4.19 4.98 12.28
C ALA A 230 5.36 5.12 13.25
N ARG A 231 5.15 4.72 14.49
CA ARG A 231 6.20 4.81 15.51
C ARG A 231 7.42 3.95 15.19
N SER A 232 7.21 2.86 14.45
CA SER A 232 8.31 1.96 14.11
C SER A 232 9.04 2.29 12.82
N LEU A 233 8.52 3.22 12.03
CA LEU A 233 9.14 3.57 10.77
C LEU A 233 10.51 4.22 10.92
N LYS A 234 11.39 3.89 9.98
CA LYS A 234 12.73 4.42 9.98
C LYS A 234 12.80 5.71 9.16
N VAL A 235 13.31 6.76 9.79
CA VAL A 235 13.45 8.05 9.12
C VAL A 235 14.35 7.85 7.90
N GLY A 236 13.91 8.41 6.77
CA GLY A 236 14.68 8.31 5.55
C GLY A 236 14.20 7.19 4.64
N SER A 237 13.31 6.34 5.14
CA SER A 237 12.80 5.26 4.32
C SER A 237 11.73 5.78 3.37
N PHE A 238 11.36 4.97 2.40
CA PHE A 238 10.36 5.34 1.41
C PHE A 238 9.06 4.63 1.75
N LEU A 239 7.96 5.35 1.63
CA LEU A 239 6.68 4.79 2.00
C LEU A 239 5.58 5.02 0.99
N ARG A 240 4.54 4.19 1.08
CA ARG A 240 3.34 4.39 0.30
C ARG A 240 2.28 4.44 1.40
N ILE A 241 1.59 5.56 1.48
CA ILE A 241 0.55 5.74 2.48
C ILE A 241 -0.75 5.65 1.71
N TYR A 242 -1.49 4.57 1.95
CA TYR A 242 -2.73 4.33 1.24
C TYR A 242 -3.94 5.01 1.82
N SER A 243 -4.73 5.58 0.92
CA SER A 243 -5.97 6.25 1.29
C SER A 243 -5.76 7.38 2.29
N LEU A 244 -4.75 8.18 2.03
CA LEU A 244 -4.44 9.35 2.84
C LEU A 244 -5.57 10.32 2.49
N HIS A 245 -6.02 11.11 3.47
CA HIS A 245 -7.13 12.01 3.21
C HIS A 245 -6.70 13.46 3.33
N THR A 246 -7.01 14.25 2.31
CA THR A 246 -6.68 15.67 2.35
C THR A 246 -7.95 16.40 2.73
N LYS A 247 -7.79 17.49 3.46
CA LYS A 247 -8.92 18.30 3.86
C LYS A 247 -8.48 19.74 3.90
N LEU A 248 -9.12 20.57 3.10
CA LEU A 248 -8.78 21.98 3.07
C LEU A 248 -9.50 22.63 4.26
N GLN A 249 -8.74 23.32 5.10
CA GLN A 249 -9.31 23.99 6.27
C GLN A 249 -9.37 25.48 5.97
N SER A 250 -10.53 26.10 6.18
CA SER A 250 -10.66 27.53 5.91
C SER A 250 -10.93 28.35 7.16
N MET A 251 -10.96 27.69 8.31
CA MET A 251 -11.24 28.36 9.58
C MET A 251 -10.39 27.66 10.65
N ASN A 252 -9.56 28.42 11.40
CA ASN A 252 -8.74 27.77 12.42
C ASN A 252 -9.48 27.67 13.75
N SER A 253 -8.82 27.07 14.74
CA SER A 253 -9.41 26.86 16.06
C SER A 253 -9.76 28.14 16.80
N GLU A 254 -9.24 29.27 16.33
CA GLU A 254 -9.51 30.55 16.97
C GLU A 254 -10.53 31.35 16.18
N ASN A 255 -11.23 30.65 15.28
CA ASN A 255 -12.26 31.27 14.47
C ASN A 255 -11.75 32.32 13.48
N GLN A 256 -10.53 32.16 12.99
CA GLN A 256 -9.97 33.09 12.01
C GLN A 256 -10.02 32.40 10.66
N THR A 257 -10.25 33.19 9.61
CA THR A 257 -10.31 32.65 8.26
C THR A 257 -8.90 32.49 7.69
N MET A 258 -8.65 31.35 7.06
CA MET A 258 -7.34 31.11 6.47
C MET A 258 -7.42 29.91 5.52
N LEU A 259 -6.28 29.45 5.03
CA LEU A 259 -6.28 28.29 4.13
C LEU A 259 -5.08 27.40 4.41
N SER A 260 -5.36 26.14 4.74
CA SER A 260 -4.29 25.19 5.00
C SER A 260 -4.82 23.82 4.59
N LEU A 261 -3.93 22.99 4.09
CA LEU A 261 -4.32 21.67 3.66
C LEU A 261 -3.89 20.67 4.73
N GLU A 262 -4.85 19.94 5.30
CA GLU A 262 -4.54 18.93 6.30
C GLU A 262 -4.44 17.55 5.63
N PHE A 263 -3.64 16.67 6.23
CA PHE A 263 -3.48 15.30 5.73
C PHE A 263 -3.73 14.38 6.92
N HIS A 264 -4.73 13.51 6.78
CA HIS A 264 -5.11 12.59 7.85
C HIS A 264 -5.12 11.14 7.37
N LEU A 265 -4.57 10.24 8.18
CA LEU A 265 -4.65 8.82 7.86
C LEU A 265 -5.56 8.34 8.99
N HIS A 266 -6.87 8.34 8.72
CA HIS A 266 -7.86 7.97 9.73
C HIS A 266 -7.81 6.54 10.25
N GLY A 267 -8.25 6.37 11.49
CA GLY A 267 -8.27 5.05 12.11
C GLY A 267 -9.12 4.06 11.35
N GLY A 268 -8.80 2.78 11.49
CA GLY A 268 -9.54 1.76 10.78
C GLY A 268 -8.74 1.29 9.58
N THR A 269 -9.25 0.28 8.88
CA THR A 269 -8.55 -0.27 7.72
C THR A 269 -9.39 -0.22 6.44
N SER A 270 -10.58 0.37 6.52
CA SER A 270 -11.46 0.48 5.36
C SER A 270 -10.72 1.10 4.18
N TYR A 271 -11.06 0.65 2.98
CA TYR A 271 -10.45 1.15 1.75
C TYR A 271 -8.93 1.02 1.68
N GLY A 272 -8.37 0.15 2.50
CA GLY A 272 -6.93 -0.05 2.47
C GLY A 272 -6.08 0.94 3.22
N ARG A 273 -6.71 1.82 4.01
CA ARG A 273 -5.95 2.79 4.77
C ARG A 273 -4.85 2.04 5.52
N GLY A 274 -3.61 2.46 5.27
CA GLY A 274 -2.48 1.81 5.90
C GLY A 274 -1.18 2.34 5.36
N ILE A 275 -0.08 1.73 5.76
CA ILE A 275 1.23 2.15 5.32
C ILE A 275 2.11 0.95 4.98
N ARG A 276 2.78 1.02 3.85
CA ARG A 276 3.69 -0.04 3.48
C ARG A 276 5.01 0.60 3.11
N VAL A 277 6.10 0.05 3.65
CA VAL A 277 7.43 0.56 3.36
C VAL A 277 7.86 0.05 1.99
N LEU A 278 8.33 0.95 1.14
CA LEU A 278 8.77 0.61 -0.20
C LEU A 278 10.29 0.38 -0.21
N PRO A 279 10.72 -0.80 -0.69
CA PRO A 279 12.15 -1.09 -0.73
C PRO A 279 12.81 -0.32 -1.87
N GLU A 280 14.12 -0.16 -1.81
CA GLU A 280 14.84 0.56 -2.85
C GLU A 280 14.86 -0.20 -4.18
N SER A 281 14.34 -1.42 -4.18
CA SER A 281 14.28 -2.23 -5.39
C SER A 281 13.00 -1.91 -6.17
N ASN A 282 12.16 -1.06 -5.59
CA ASN A 282 10.90 -0.66 -6.21
C ASN A 282 11.14 0.42 -7.28
N SER A 283 10.56 0.24 -8.46
CA SER A 283 10.74 1.19 -9.55
C SER A 283 10.23 2.59 -9.23
N ASP A 284 9.13 2.66 -8.47
CA ASP A 284 8.56 3.96 -8.12
C ASP A 284 9.51 4.75 -7.21
N VAL A 285 10.35 4.04 -6.47
CA VAL A 285 11.30 4.72 -5.60
C VAL A 285 12.43 5.33 -6.45
N ASP A 286 12.85 4.65 -7.51
CA ASP A 286 13.91 5.22 -8.34
C ASP A 286 13.47 6.56 -8.93
N GLN A 287 12.22 6.62 -9.37
CA GLN A 287 11.64 7.84 -9.93
C GLN A 287 11.59 8.93 -8.83
N LEU A 288 11.08 8.56 -7.67
CA LEU A 288 10.97 9.48 -6.54
C LEU A 288 12.32 10.09 -6.18
N LYS A 289 13.35 9.25 -6.08
CA LYS A 289 14.68 9.76 -5.73
C LYS A 289 15.15 10.89 -6.64
N LYS A 290 14.87 10.77 -7.93
CA LYS A 290 15.28 11.82 -8.89
C LYS A 290 14.52 13.12 -8.65
N ASP A 291 13.25 13.02 -8.28
CA ASP A 291 12.48 14.23 -8.01
C ASP A 291 13.01 14.90 -6.75
N LEU A 292 13.39 14.09 -5.78
CA LEU A 292 13.93 14.64 -4.53
C LEU A 292 15.26 15.34 -4.77
N GLU A 293 16.08 14.73 -5.62
CA GLU A 293 17.39 15.30 -5.93
C GLU A 293 17.23 16.66 -6.61
N SER A 294 16.28 16.74 -7.54
CA SER A 294 15.99 17.96 -8.26
C SER A 294 15.48 19.05 -7.31
N ALA A 295 14.55 18.67 -6.44
CA ALA A 295 13.98 19.62 -5.49
C ALA A 295 15.03 20.07 -4.49
N ASN A 296 15.87 19.14 -4.03
CA ASN A 296 16.90 19.47 -3.06
C ASN A 296 17.89 20.50 -3.57
N LEU A 297 18.29 20.36 -4.84
CA LEU A 297 19.23 21.29 -5.45
C LEU A 297 18.65 22.70 -5.42
N THR A 298 17.32 22.77 -5.39
CA THR A 298 16.63 24.05 -5.37
C THR A 298 15.80 24.16 -4.09
N ALA A 299 16.47 24.44 -2.97
CA ALA A 299 15.80 24.58 -1.69
C ALA A 299 16.78 25.06 -0.62
#